data_4HO0
#
_entry.id   4HO0
#
_cell.length_a   69.526
_cell.length_b   88.704
_cell.length_c   129.390
_cell.angle_alpha   90.000
_cell.angle_beta   90.000
_cell.angle_gamma   90.000
#
_symmetry.space_group_name_H-M   'I 2 2 2'
#
loop_
_entity.id
_entity.type
_entity.pdbx_description
1 polymer 'Glucose-1-phosphate thymidylyltransferase'
2 non-polymer 'SULFATE ION'
3 water water
#
_entity_poly.entity_id   1
_entity_poly.type   'polypeptide(L)'
_entity_poly.pdbx_seq_one_letter_code
;MKGIILSGGSGTRLYPLTKVVSKQLLPVYDKPMVYYPLSVLMLAGIKDILIISTPEDTPRFEQLLGGGSELGISLSYAVQ
SSPDGLAQAFIIGEEFIGDDNVALVLGDNIFYGHGFTELLQRAANRKSGATIFGYNVKDPQRFGVVEFDEKGKVISIEEK
PEEPKSSYAVTGLYFYDNRVVDIAKNITPSARGELEITDVNKAYLELGELHVELLGRGFAWLDTGTHESLLQASQFIETI
EKRQSLKVACLEEIAYRMGYISREQLIKLAEPLMKNEYGQYLMNLAHRSKDLVTVEG
;
_entity_poly.pdbx_strand_id   A
#
# COMPACT_ATOMS: atom_id res chain seq x y z
N MET A 1 9.50 -1.56 12.28
CA MET A 1 9.70 -1.96 10.87
C MET A 1 9.48 -0.67 10.04
N LYS A 2 10.12 -0.58 8.89
CA LYS A 2 9.99 0.59 8.10
C LYS A 2 8.92 0.31 7.04
N GLY A 3 8.49 1.32 6.32
CA GLY A 3 7.60 1.05 5.18
C GLY A 3 7.96 1.88 3.96
N ILE A 4 7.63 1.36 2.79
CA ILE A 4 7.84 2.04 1.51
C ILE A 4 6.50 2.06 0.72
N ILE A 5 6.08 3.24 0.24
CA ILE A 5 5.05 3.32 -0.79
C ILE A 5 5.69 3.60 -2.13
N LEU A 6 5.50 2.68 -3.06
CA LEU A 6 6.02 2.82 -4.37
C LEU A 6 4.90 3.13 -5.30
N SER A 7 4.94 4.36 -5.82
CA SER A 7 4.03 4.80 -6.89
C SER A 7 4.90 5.10 -8.09
N GLY A 8 4.83 4.33 -9.15
CA GLY A 8 3.65 3.55 -9.51
C GLY A 8 3.59 3.84 -11.00
N GLY A 9 3.93 5.12 -11.33
CA GLY A 9 3.94 5.55 -12.72
C GLY A 9 2.52 5.68 -13.27
N SER A 10 2.37 6.50 -14.31
CA SER A 10 1.13 6.61 -15.11
C SER A 10 -0.13 7.20 -14.42
N GLY A 11 -1.30 6.65 -14.76
CA GLY A 11 -1.45 5.54 -15.71
C GLY A 11 -2.21 5.87 -17.00
N THR A 12 -1.65 5.44 -18.14
CA THR A 12 -2.27 5.55 -19.48
C THR A 12 -3.68 5.04 -19.61
N ARG A 13 -3.97 3.90 -18.97
CA ARG A 13 -5.30 3.34 -19.01
C ARG A 13 -6.30 4.35 -18.49
N LEU A 14 -5.86 5.34 -17.70
CA LEU A 14 -6.83 6.27 -17.10
C LEU A 14 -6.94 7.60 -17.88
N TYR A 15 -6.25 7.69 -19.01
CA TYR A 15 -6.25 8.89 -19.80
C TYR A 15 -7.76 9.15 -20.14
N PRO A 16 -8.19 10.41 -20.16
CA PRO A 16 -7.48 11.66 -19.96
C PRO A 16 -7.31 12.10 -18.52
N LEU A 17 -7.82 11.33 -17.52
CA LEU A 17 -7.70 11.78 -16.11
C LEU A 17 -6.22 12.02 -15.69
N THR A 18 -5.37 11.17 -16.19
CA THR A 18 -3.95 11.21 -15.80
C THR A 18 -3.09 12.07 -16.75
N LYS A 19 -3.73 12.79 -17.66
CA LYS A 19 -2.96 13.72 -18.51
C LYS A 19 -2.20 14.75 -17.69
N VAL A 20 -2.84 15.41 -16.74
CA VAL A 20 -2.15 16.36 -15.94
C VAL A 20 -2.25 16.13 -14.42
N VAL A 21 -2.76 14.96 -14.06
CA VAL A 21 -2.93 14.67 -12.62
C VAL A 21 -2.35 13.30 -12.39
N SER A 22 -1.51 13.16 -11.36
CA SER A 22 -0.96 11.82 -11.03
C SER A 22 -2.07 10.83 -10.67
N LYS A 23 -2.01 9.63 -11.16
CA LYS A 23 -3.00 8.60 -10.82
C LYS A 23 -3.23 8.51 -9.29
N GLN A 24 -2.14 8.57 -8.53
CA GLN A 24 -2.24 8.34 -7.08
C GLN A 24 -2.73 9.61 -6.35
N LEU A 25 -3.03 10.71 -7.08
CA LEU A 25 -3.74 11.81 -6.49
C LEU A 25 -5.22 11.84 -6.89
N LEU A 26 -5.65 10.90 -7.73
CA LEU A 26 -7.08 10.86 -8.15
C LEU A 26 -7.96 10.52 -6.95
N PRO A 27 -9.22 11.05 -6.90
CA PRO A 27 -10.08 10.70 -5.78
C PRO A 27 -10.43 9.24 -5.82
N VAL A 28 -10.46 8.65 -4.63
CA VAL A 28 -11.24 7.41 -4.40
C VAL A 28 -12.29 7.80 -3.40
N TYR A 29 -13.49 8.11 -3.89
CA TYR A 29 -14.52 8.80 -3.19
C TYR A 29 -14.06 10.15 -2.70
N ASP A 30 -13.71 10.27 -1.44
CA ASP A 30 -13.35 11.59 -0.88
C ASP A 30 -11.90 11.78 -0.54
N LYS A 31 -10.99 10.85 -0.91
CA LYS A 31 -9.59 11.02 -0.52
C LYS A 31 -8.74 10.71 -1.69
N PRO A 32 -7.57 11.36 -1.82
CA PRO A 32 -6.60 11.03 -2.85
C PRO A 32 -6.26 9.54 -2.73
N MET A 33 -6.05 8.90 -3.86
CA MET A 33 -5.83 7.46 -3.84
C MET A 33 -4.70 7.07 -2.83
N VAL A 34 -3.63 7.85 -2.83
CA VAL A 34 -2.42 7.49 -2.02
C VAL A 34 -2.73 7.44 -0.50
N TYR A 35 -3.84 8.01 -0.07
CA TYR A 35 -4.26 7.87 1.33
C TYR A 35 -4.45 6.42 1.69
N TYR A 36 -4.95 5.61 0.75
CA TYR A 36 -5.32 4.23 1.03
C TYR A 36 -4.11 3.33 1.37
N PRO A 37 -3.13 3.18 0.45
CA PRO A 37 -1.93 2.40 0.87
C PRO A 37 -1.18 3.03 2.08
N LEU A 38 -1.13 4.35 2.19
CA LEU A 38 -0.50 4.94 3.41
C LEU A 38 -1.20 4.41 4.65
N SER A 39 -2.54 4.53 4.69
CA SER A 39 -3.30 4.08 5.87
C SER A 39 -2.96 2.63 6.23
N VAL A 40 -2.70 1.80 5.25
CA VAL A 40 -2.41 0.39 5.52
C VAL A 40 -1.07 0.25 6.25
N LEU A 41 -0.07 1.02 5.82
CA LEU A 41 1.22 1.02 6.61
C LEU A 41 0.94 1.52 8.01
N MET A 42 0.17 2.58 8.13
CA MET A 42 -0.10 3.16 9.44
C MET A 42 -0.81 2.16 10.36
N LEU A 43 -1.85 1.50 9.83
CA LEU A 43 -2.58 0.50 10.62
C LEU A 43 -1.67 -0.67 10.98
N ALA A 44 -0.68 -0.93 10.18
CA ALA A 44 0.31 -1.99 10.53
C ALA A 44 1.24 -1.60 11.70
N GLY A 45 1.11 -0.35 12.18
CA GLY A 45 2.04 0.25 13.19
C GLY A 45 3.36 0.74 12.64
N ILE A 46 3.47 0.81 11.31
CA ILE A 46 4.67 1.36 10.67
C ILE A 46 4.64 2.89 10.68
N LYS A 47 5.73 3.54 11.15
CA LYS A 47 5.67 5.03 11.37
C LYS A 47 6.80 5.77 10.64
N ASP A 48 7.71 5.02 10.08
CA ASP A 48 8.80 5.61 9.35
C ASP A 48 8.67 5.11 7.90
N ILE A 49 8.36 6.02 6.98
CA ILE A 49 7.87 5.62 5.68
C ILE A 49 8.53 6.45 4.61
N LEU A 50 8.96 5.77 3.57
CA LEU A 50 9.58 6.38 2.42
C LEU A 50 8.59 6.31 1.27
N ILE A 51 8.30 7.46 0.67
CA ILE A 51 7.48 7.45 -0.53
C ILE A 51 8.35 7.64 -1.78
N ILE A 52 8.29 6.66 -2.68
CA ILE A 52 9.05 6.68 -3.93
C ILE A 52 8.10 6.91 -5.07
N SER A 53 8.42 7.89 -5.91
CA SER A 53 7.54 8.26 -6.98
C SER A 53 8.40 8.77 -8.14
N THR A 54 7.73 9.14 -9.22
CA THR A 54 8.42 9.75 -10.36
C THR A 54 8.92 11.12 -9.94
N PRO A 55 9.97 11.62 -10.63
CA PRO A 55 10.44 12.99 -10.39
C PRO A 55 9.31 14.05 -10.49
N GLU A 56 8.37 13.84 -11.43
CA GLU A 56 7.24 14.77 -11.65
C GLU A 56 6.23 14.73 -10.48
N ASP A 57 5.98 13.52 -9.96
CA ASP A 57 4.98 13.33 -8.89
C ASP A 57 5.51 13.66 -7.51
N THR A 58 6.78 13.34 -7.25
CA THR A 58 7.35 13.47 -5.91
C THR A 58 7.04 14.78 -5.16
N PRO A 59 7.19 15.96 -5.81
CA PRO A 59 6.84 17.26 -5.18
C PRO A 59 5.37 17.38 -4.83
N ARG A 60 4.51 16.79 -5.65
CA ARG A 60 3.06 16.85 -5.37
C ARG A 60 2.65 16.03 -4.14
N PHE A 61 3.23 14.84 -4.01
CA PHE A 61 3.03 13.99 -2.81
C PHE A 61 3.55 14.66 -1.58
N GLU A 62 4.68 15.33 -1.74
CA GLU A 62 5.26 16.04 -0.61
C GLU A 62 4.38 17.21 -0.25
N GLN A 63 3.84 17.89 -1.26
CA GLN A 63 2.87 18.93 -0.94
C GLN A 63 1.65 18.41 -0.18
N LEU A 64 1.16 17.26 -0.60
CA LEU A 64 -0.03 16.67 0.04
C LEU A 64 0.20 16.24 1.49
N LEU A 65 1.31 15.55 1.73
CA LEU A 65 1.52 14.81 2.96
C LEU A 65 2.63 15.42 3.88
N GLY A 66 3.52 16.22 3.30
CA GLY A 66 4.65 16.79 4.07
C GLY A 66 5.48 15.70 4.74
N GLY A 67 6.05 16.02 5.90
CA GLY A 67 6.99 15.09 6.57
C GLY A 67 6.29 14.17 7.54
N GLY A 68 4.95 14.32 7.63
CA GLY A 68 4.14 13.37 8.38
C GLY A 68 3.91 13.75 9.83
N SER A 69 4.38 14.92 10.25
CA SER A 69 4.38 15.25 11.68
C SER A 69 2.95 15.51 12.20
N GLU A 70 2.04 15.96 11.32
CA GLU A 70 0.65 16.12 11.69
C GLU A 70 -0.05 14.80 12.04
N LEU A 71 0.46 13.72 11.47
CA LEU A 71 -0.11 12.38 11.71
C LEU A 71 0.70 11.58 12.72
N GLY A 72 1.71 12.24 13.29
CA GLY A 72 2.62 11.57 14.23
C GLY A 72 3.49 10.49 13.61
N ILE A 73 3.82 10.62 12.32
CA ILE A 73 4.69 9.66 11.67
C ILE A 73 5.79 10.43 10.96
N SER A 74 6.71 9.72 10.35
CA SER A 74 7.75 10.43 9.60
C SER A 74 7.78 9.98 8.14
N LEU A 75 7.55 10.93 7.22
CA LEU A 75 7.54 10.60 5.81
C LEU A 75 8.80 11.18 5.12
N SER A 76 9.42 10.41 4.24
CA SER A 76 10.54 10.85 3.40
C SER A 76 10.22 10.51 1.98
N TYR A 77 10.98 11.07 1.04
CA TYR A 77 10.69 10.95 -0.38
C TYR A 77 11.94 10.57 -1.19
N ALA A 78 11.76 9.70 -2.16
CA ALA A 78 12.84 9.44 -3.09
C ALA A 78 12.21 9.30 -4.44
N VAL A 79 13.04 9.39 -5.47
CA VAL A 79 12.59 9.31 -6.84
C VAL A 79 12.97 7.99 -7.47
N GLN A 80 12.07 7.44 -8.28
CA GLN A 80 12.45 6.37 -9.19
C GLN A 80 12.57 6.97 -10.60
N SER A 81 13.81 7.20 -11.05
CA SER A 81 14.06 7.97 -12.31
C SER A 81 13.61 7.15 -13.51
N SER A 82 13.70 5.83 -13.39
CA SER A 82 13.14 4.95 -14.39
C SER A 82 12.38 3.79 -13.76
N PRO A 83 11.21 3.43 -14.33
CA PRO A 83 10.40 2.31 -13.81
C PRO A 83 11.06 0.93 -14.08
N ASP A 84 12.06 0.58 -13.28
CA ASP A 84 12.82 -0.66 -13.48
C ASP A 84 12.30 -1.88 -12.72
N GLY A 85 11.05 -1.81 -12.23
CA GLY A 85 10.45 -2.95 -11.52
C GLY A 85 10.30 -2.66 -10.03
N LEU A 86 9.35 -3.33 -9.39
CA LEU A 86 8.98 -3.04 -7.98
C LEU A 86 10.14 -3.26 -7.00
N ALA A 87 10.94 -4.30 -7.24
CA ALA A 87 12.07 -4.60 -6.36
C ALA A 87 13.15 -3.53 -6.30
N GLN A 88 13.11 -2.56 -7.22
CA GLN A 88 13.98 -1.42 -7.11
C GLN A 88 13.70 -0.64 -5.87
N ALA A 89 12.51 -0.84 -5.31
CA ALA A 89 12.15 -0.18 -4.05
C ALA A 89 13.28 -0.38 -3.02
N PHE A 90 13.87 -1.55 -3.01
CA PHE A 90 14.80 -1.91 -1.91
C PHE A 90 16.24 -1.48 -2.26
N ILE A 91 16.48 -1.18 -3.52
CA ILE A 91 17.78 -0.57 -3.91
C ILE A 91 17.76 0.92 -3.68
N ILE A 92 16.73 1.56 -4.21
CA ILE A 92 16.47 2.95 -3.93
C ILE A 92 16.37 3.23 -2.45
N GLY A 93 15.74 2.31 -1.71
CA GLY A 93 15.48 2.54 -0.29
C GLY A 93 16.54 1.87 0.59
N GLU A 94 17.64 1.40 -0.02
CA GLU A 94 18.66 0.75 0.78
C GLU A 94 19.08 1.51 2.00
N GLU A 95 19.43 2.79 1.81
CA GLU A 95 19.92 3.59 2.92
C GLU A 95 18.81 3.80 3.95
N PHE A 96 17.61 4.12 3.47
CA PHE A 96 16.52 4.40 4.41
C PHE A 96 16.23 3.16 5.26
N ILE A 97 16.22 2.00 4.62
CA ILE A 97 15.89 0.75 5.30
C ILE A 97 16.93 0.46 6.42
N GLY A 98 18.21 0.65 6.11
CA GLY A 98 19.29 0.35 7.08
C GLY A 98 19.31 -1.13 7.43
N ASP A 99 19.20 -1.43 8.71
CA ASP A 99 19.26 -2.82 9.18
C ASP A 99 17.84 -3.32 9.51
N ASP A 100 16.85 -2.49 9.23
CA ASP A 100 15.48 -2.80 9.70
C ASP A 100 14.71 -3.77 8.79
N ASN A 101 13.62 -4.33 9.31
CA ASN A 101 12.61 -4.98 8.50
C ASN A 101 11.82 -3.88 7.76
N VAL A 102 11.14 -4.25 6.69
CA VAL A 102 10.47 -3.22 5.83
C VAL A 102 9.30 -3.85 5.11
N ALA A 103 8.23 -3.08 5.06
CA ALA A 103 7.07 -3.45 4.22
C ALA A 103 6.99 -2.47 3.03
N LEU A 104 6.52 -3.01 1.91
CA LEU A 104 6.36 -2.30 0.66
C LEU A 104 4.84 -2.41 0.30
N VAL A 105 4.20 -1.26 0.04
CA VAL A 105 2.80 -1.24 -0.47
C VAL A 105 2.77 -0.38 -1.77
N LEU A 106 2.03 -0.82 -2.75
CA LEU A 106 1.97 -0.14 -4.04
C LEU A 106 0.91 0.98 -3.94
N GLY A 107 1.25 2.12 -4.53
CA GLY A 107 0.48 3.36 -4.40
C GLY A 107 -0.94 3.32 -4.93
N ASP A 108 -1.27 2.28 -5.70
CA ASP A 108 -2.64 2.13 -6.28
C ASP A 108 -3.41 0.97 -5.70
N ASN A 109 -2.94 0.42 -4.58
CA ASN A 109 -3.65 -0.72 -3.98
C ASN A 109 -4.53 -0.27 -2.87
N ILE A 110 -5.75 -0.78 -2.87
CA ILE A 110 -6.75 -0.50 -1.84
C ILE A 110 -7.25 -1.79 -1.18
N PHE A 111 -6.99 -1.90 0.11
CA PHE A 111 -7.41 -3.03 0.94
C PHE A 111 -8.44 -2.58 1.92
N TYR A 112 -9.37 -3.49 2.28
CA TYR A 112 -10.32 -3.21 3.33
C TYR A 112 -10.90 -4.52 3.90
N GLY A 113 -11.14 -4.57 5.22
CA GLY A 113 -11.82 -5.76 5.81
C GLY A 113 -11.73 -5.76 7.29
N HIS A 114 -12.81 -6.13 8.00
CA HIS A 114 -12.71 -6.25 9.45
C HIS A 114 -11.73 -7.41 9.69
N GLY A 115 -10.82 -7.21 10.60
CA GLY A 115 -9.78 -8.23 10.80
C GLY A 115 -8.55 -8.05 9.91
N PHE A 116 -8.61 -7.11 8.96
CA PHE A 116 -7.37 -6.76 8.25
C PHE A 116 -6.28 -6.15 9.14
N THR A 117 -6.64 -5.21 9.98
CA THR A 117 -5.65 -4.58 10.79
C THR A 117 -4.88 -5.64 11.60
N GLU A 118 -5.59 -6.68 12.04
CA GLU A 118 -5.01 -7.75 12.84
C GLU A 118 -3.96 -8.43 12.03
N LEU A 119 -4.27 -8.73 10.79
CA LEU A 119 -3.34 -9.38 9.90
C LEU A 119 -2.10 -8.53 9.64
N LEU A 120 -2.30 -7.22 9.48
CA LEU A 120 -1.20 -6.26 9.24
C LEU A 120 -0.32 -6.23 10.46
N GLN A 121 -0.95 -6.02 11.61
CA GLN A 121 -0.22 -5.92 12.85
C GLN A 121 0.60 -7.18 13.15
N ARG A 122 0.05 -8.34 12.79
CA ARG A 122 0.74 -9.61 12.90
C ARG A 122 1.91 -9.75 11.91
N ALA A 123 1.73 -9.30 10.68
CA ALA A 123 2.79 -9.38 9.73
C ALA A 123 3.88 -8.40 10.12
N ALA A 124 3.53 -7.25 10.69
CA ALA A 124 4.55 -6.26 11.00
C ALA A 124 5.42 -6.76 12.15
N ASN A 125 4.81 -7.57 12.99
CA ASN A 125 5.44 -7.99 14.24
C ASN A 125 6.23 -9.28 14.07
N ARG A 126 6.15 -9.88 12.88
CA ARG A 126 6.99 -11.03 12.53
C ARG A 126 8.40 -10.51 12.26
N LYS A 127 9.36 -10.97 13.06
CA LYS A 127 10.73 -10.48 12.89
C LYS A 127 11.49 -11.22 11.79
N SER A 128 10.97 -12.37 11.38
CA SER A 128 11.65 -13.19 10.40
C SER A 128 10.75 -13.64 9.26
N GLY A 129 11.32 -13.65 8.06
CA GLY A 129 10.66 -14.19 6.89
C GLY A 129 9.89 -13.07 6.15
N ALA A 130 9.02 -13.47 5.24
CA ALA A 130 8.23 -12.52 4.40
C ALA A 130 6.77 -12.92 4.49
N THR A 131 5.87 -11.95 4.44
CA THR A 131 4.42 -12.24 4.40
C THR A 131 3.85 -11.56 3.17
N ILE A 132 3.14 -12.34 2.37
CA ILE A 132 2.40 -11.80 1.23
C ILE A 132 0.92 -12.10 1.42
N PHE A 133 0.09 -11.46 0.57
CA PHE A 133 -1.36 -11.47 0.77
C PHE A 133 -1.98 -11.90 -0.58
N GLY A 134 -2.83 -12.91 -0.51
CA GLY A 134 -3.37 -13.57 -1.70
C GLY A 134 -4.86 -13.15 -1.80
N TYR A 135 -5.35 -12.94 -3.02
CA TYR A 135 -6.78 -12.54 -3.19
C TYR A 135 -7.37 -13.27 -4.38
N ASN A 136 -8.53 -13.88 -4.15
CA ASN A 136 -9.31 -14.56 -5.20
C ASN A 136 -9.80 -13.58 -6.25
N VAL A 137 -9.23 -13.67 -7.45
CA VAL A 137 -9.63 -12.80 -8.53
C VAL A 137 -10.10 -13.65 -9.71
N LYS A 138 -10.86 -13.02 -10.61
CA LYS A 138 -11.32 -13.68 -11.83
C LYS A 138 -10.22 -13.69 -12.88
N ASP A 139 -9.29 -12.74 -12.81
CA ASP A 139 -8.27 -12.61 -13.85
C ASP A 139 -6.80 -12.95 -13.44
N PRO A 140 -6.59 -14.13 -12.79
CA PRO A 140 -5.27 -14.55 -12.30
C PRO A 140 -4.09 -14.00 -13.07
N GLN A 141 -4.15 -14.10 -14.39
CA GLN A 141 -2.92 -14.17 -15.20
C GLN A 141 -2.27 -12.81 -15.54
N ARG A 142 -2.91 -11.72 -15.12
CA ARG A 142 -2.28 -10.38 -15.21
C ARG A 142 -1.71 -9.90 -13.85
N PHE A 143 -1.46 -10.87 -12.97
CA PHE A 143 -0.85 -10.65 -11.63
C PHE A 143 0.23 -11.69 -11.39
N GLY A 144 1.04 -11.48 -10.35
CA GLY A 144 1.74 -12.58 -9.71
C GLY A 144 0.76 -13.54 -9.06
N VAL A 145 1.02 -14.83 -9.24
CA VAL A 145 0.07 -15.84 -8.82
C VAL A 145 0.72 -16.82 -7.84
N VAL A 146 0.03 -17.10 -6.75
CA VAL A 146 0.56 -17.96 -5.70
C VAL A 146 -0.25 -19.25 -5.61
N GLU A 147 0.46 -20.37 -5.67
CA GLU A 147 -0.15 -21.67 -5.49
C GLU A 147 0.19 -22.27 -4.13
N PHE A 148 -0.77 -22.93 -3.51
CA PHE A 148 -0.59 -23.45 -2.15
C PHE A 148 -1.32 -24.78 -1.95
N ASP A 149 -1.56 -25.13 -0.68
CA ASP A 149 -1.95 -26.50 -0.31
C ASP A 149 -3.11 -26.54 0.69
N LYS A 153 -0.41 -23.63 2.53
CA LYS A 153 1.03 -23.41 2.59
C LYS A 153 1.63 -23.34 1.19
N VAL A 154 2.55 -22.39 0.99
CA VAL A 154 2.93 -21.91 -0.37
C VAL A 154 3.73 -22.95 -1.12
N ILE A 155 3.33 -23.24 -2.35
CA ILE A 155 4.14 -24.11 -3.19
C ILE A 155 4.84 -23.45 -4.39
N SER A 156 4.23 -22.43 -4.97
CA SER A 156 4.89 -21.71 -6.06
C SER A 156 4.33 -20.31 -6.24
N ILE A 157 5.12 -19.46 -6.90
CA ILE A 157 4.75 -18.08 -7.24
C ILE A 157 5.27 -17.76 -8.64
N GLU A 158 4.40 -17.24 -9.51
CA GLU A 158 4.79 -16.84 -10.87
C GLU A 158 4.17 -15.50 -11.26
N GLU A 159 4.94 -14.67 -11.96
CA GLU A 159 4.46 -13.35 -12.38
C GLU A 159 3.75 -13.43 -13.74
N LYS A 160 2.41 -13.32 -13.70
CA LYS A 160 1.60 -13.22 -14.91
C LYS A 160 1.56 -14.52 -15.73
N PRO A 161 1.36 -15.66 -15.05
CA PRO A 161 1.55 -16.96 -15.67
C PRO A 161 0.42 -17.28 -16.68
N GLU A 162 0.81 -17.53 -17.93
CA GLU A 162 -0.16 -17.71 -19.00
C GLU A 162 -0.99 -18.96 -18.75
N GLU A 163 -0.36 -19.97 -18.18
CA GLU A 163 -1.09 -21.01 -17.48
C GLU A 163 -0.95 -20.75 -15.98
N PRO A 164 -2.01 -20.21 -15.34
CA PRO A 164 -1.98 -19.87 -13.93
C PRO A 164 -2.49 -21.02 -13.08
N LYS A 165 -1.79 -21.32 -11.97
CA LYS A 165 -2.04 -22.56 -11.24
C LYS A 165 -3.00 -22.36 -10.07
N SER A 166 -3.48 -21.12 -9.92
CA SER A 166 -4.59 -20.80 -9.00
C SER A 166 -5.19 -19.44 -9.43
N SER A 167 -6.32 -19.07 -8.82
CA SER A 167 -6.91 -17.72 -9.00
C SER A 167 -6.61 -16.80 -7.80
N TYR A 168 -5.45 -17.01 -7.20
CA TYR A 168 -4.98 -16.13 -6.13
C TYR A 168 -3.88 -15.24 -6.66
N ALA A 169 -4.24 -13.97 -6.81
CA ALA A 169 -3.26 -12.97 -7.20
C ALA A 169 -2.46 -12.64 -5.95
N VAL A 170 -1.18 -12.35 -6.15
CA VAL A 170 -0.38 -11.84 -5.05
C VAL A 170 -0.54 -10.31 -5.03
N THR A 171 -1.24 -9.81 -4.03
CA THR A 171 -1.60 -8.37 -3.99
C THR A 171 -0.34 -7.47 -3.74
N GLY A 172 -0.51 -6.14 -3.85
CA GLY A 172 0.62 -5.20 -3.84
C GLY A 172 0.97 -4.80 -2.43
N LEU A 173 1.16 -5.80 -1.58
CA LEU A 173 1.48 -5.54 -0.15
C LEU A 173 2.39 -6.70 0.32
N TYR A 174 3.58 -6.33 0.81
CA TYR A 174 4.60 -7.31 1.16
C TYR A 174 5.31 -6.86 2.42
N PHE A 175 5.61 -7.80 3.32
CA PHE A 175 6.31 -7.47 4.56
C PHE A 175 7.60 -8.37 4.54
N TYR A 176 8.77 -7.79 4.71
CA TYR A 176 10.02 -8.58 4.59
C TYR A 176 10.88 -8.32 5.82
N ASP A 177 11.72 -9.29 6.18
CA ASP A 177 12.85 -8.97 7.10
C ASP A 177 14.02 -8.33 6.34
N ASN A 178 15.09 -7.97 7.06
CA ASN A 178 16.11 -7.15 6.46
C ASN A 178 16.89 -7.82 5.35
N ARG A 179 16.74 -9.13 5.20
CA ARG A 179 17.46 -9.82 4.15
C ARG A 179 17.02 -9.41 2.75
N VAL A 180 15.84 -8.80 2.65
CA VAL A 180 15.34 -8.39 1.33
C VAL A 180 16.31 -7.46 0.56
N VAL A 181 17.05 -6.63 1.27
CA VAL A 181 17.99 -5.69 0.65
C VAL A 181 19.01 -6.49 -0.21
N ASP A 182 19.60 -7.51 0.39
CA ASP A 182 20.62 -8.29 -0.30
C ASP A 182 19.99 -9.18 -1.34
N ILE A 183 18.79 -9.66 -1.05
CA ILE A 183 18.05 -10.44 -2.02
C ILE A 183 17.80 -9.59 -3.27
N ALA A 184 17.38 -8.34 -3.08
CA ALA A 184 17.02 -7.50 -4.24
C ALA A 184 18.26 -7.26 -5.10
N LYS A 185 19.40 -7.08 -4.44
CA LYS A 185 20.72 -6.96 -5.10
C LYS A 185 21.16 -8.17 -5.91
N ASN A 186 20.70 -9.35 -5.54
CA ASN A 186 21.15 -10.54 -6.22
C ASN A 186 20.16 -11.08 -7.23
N ILE A 187 19.05 -10.35 -7.43
CA ILE A 187 18.10 -10.67 -8.49
C ILE A 187 18.71 -10.33 -9.85
N THR A 188 18.50 -11.23 -10.81
CA THR A 188 18.76 -10.96 -12.23
C THR A 188 17.52 -10.32 -12.88
N PRO A 189 17.72 -9.19 -13.60
CA PRO A 189 16.66 -8.54 -14.37
C PRO A 189 15.93 -9.49 -15.31
N SER A 190 14.62 -9.36 -15.37
CA SER A 190 13.78 -10.18 -16.25
C SER A 190 13.99 -9.76 -17.71
N ALA A 191 13.59 -10.61 -18.65
CA ALA A 191 13.33 -10.10 -20.03
C ALA A 191 12.61 -8.77 -19.91
N ARG A 192 13.23 -7.69 -20.42
CA ARG A 192 12.63 -6.36 -20.28
C ARG A 192 13.28 -5.56 -19.14
N GLY A 193 14.37 -6.11 -18.60
CA GLY A 193 15.19 -5.38 -17.61
C GLY A 193 14.43 -4.86 -16.39
N GLU A 194 13.55 -5.69 -15.83
CA GLU A 194 12.83 -5.34 -14.62
C GLU A 194 13.37 -6.15 -13.44
N LEU A 195 13.52 -5.52 -12.28
CA LEU A 195 13.76 -6.25 -11.03
C LEU A 195 12.41 -6.57 -10.40
N GLU A 196 12.00 -7.81 -10.53
CA GLU A 196 10.63 -8.21 -10.29
C GLU A 196 10.42 -8.62 -8.83
N ILE A 197 9.41 -8.06 -8.21
CA ILE A 197 9.06 -8.47 -6.84
C ILE A 197 8.81 -9.98 -6.74
N THR A 198 8.32 -10.59 -7.81
CA THR A 198 8.04 -12.01 -7.75
C THR A 198 9.34 -12.83 -7.58
N ASP A 199 10.49 -12.28 -7.99
CA ASP A 199 11.77 -12.92 -7.71
C ASP A 199 12.17 -12.78 -6.21
N VAL A 200 11.83 -11.65 -5.61
CA VAL A 200 12.04 -11.45 -4.18
C VAL A 200 11.23 -12.46 -3.39
N ASN A 201 9.99 -12.65 -3.79
CA ASN A 201 9.15 -13.63 -3.19
C ASN A 201 9.58 -15.10 -3.39
N LYS A 202 10.11 -15.41 -4.59
CA LYS A 202 10.69 -16.74 -4.87
C LYS A 202 11.95 -17.02 -4.00
N ALA A 203 12.70 -15.97 -3.69
CA ALA A 203 13.85 -16.16 -2.80
C ALA A 203 13.41 -16.57 -1.39
N TYR A 204 12.38 -15.92 -0.83
CA TYR A 204 11.86 -16.35 0.47
C TYR A 204 11.18 -17.71 0.42
N LEU A 205 10.50 -17.98 -0.69
CA LEU A 205 9.97 -19.32 -0.90
C LEU A 205 11.09 -20.36 -0.76
N GLU A 206 12.18 -20.17 -1.50
CA GLU A 206 13.31 -21.11 -1.45
C GLU A 206 13.85 -21.33 -0.02
N LEU A 207 13.79 -20.29 0.80
CA LEU A 207 14.20 -20.34 2.21
C LEU A 207 13.18 -21.08 3.07
N GLY A 208 11.98 -21.28 2.53
CA GLY A 208 10.93 -21.90 3.32
C GLY A 208 10.26 -20.93 4.25
N GLU A 209 10.45 -19.63 3.96
CA GLU A 209 10.09 -18.58 4.93
C GLU A 209 9.19 -17.53 4.24
N LEU A 210 8.43 -17.98 3.24
CA LEU A 210 7.36 -17.16 2.68
C LEU A 210 6.01 -17.57 3.24
N HIS A 211 5.35 -16.64 3.93
CA HIS A 211 4.10 -16.88 4.59
C HIS A 211 3.01 -16.16 3.76
N VAL A 212 1.88 -16.81 3.54
CA VAL A 212 0.80 -16.22 2.74
C VAL A 212 -0.49 -16.07 3.55
N GLU A 213 -1.03 -14.84 3.60
CA GLU A 213 -2.30 -14.61 4.20
C GLU A 213 -3.31 -14.55 3.07
N LEU A 214 -4.28 -15.45 3.13
CA LEU A 214 -5.28 -15.53 2.07
C LEU A 214 -6.48 -14.80 2.55
N LEU A 215 -6.79 -13.69 1.89
CA LEU A 215 -7.93 -12.86 2.27
C LEU A 215 -9.16 -13.31 1.50
N GLY A 216 -9.98 -14.13 2.11
CA GLY A 216 -11.15 -14.66 1.38
C GLY A 216 -12.35 -13.88 1.82
N ARG A 217 -13.24 -14.57 2.51
CA ARG A 217 -14.49 -13.99 3.00
C ARG A 217 -14.34 -12.78 3.91
N GLY A 218 -15.03 -11.69 3.56
CA GLY A 218 -14.96 -10.47 4.33
C GLY A 218 -13.86 -9.45 3.91
N PHE A 219 -13.07 -9.78 2.92
CA PHE A 219 -12.02 -8.81 2.51
C PHE A 219 -12.24 -8.24 1.10
N ALA A 220 -11.95 -6.96 0.99
CA ALA A 220 -12.01 -6.26 -0.28
C ALA A 220 -10.60 -5.89 -0.72
N TRP A 221 -10.32 -6.07 -2.00
CA TRP A 221 -9.10 -5.60 -2.62
C TRP A 221 -9.50 -4.95 -3.95
N LEU A 222 -9.43 -3.63 -4.02
CA LEU A 222 -10.13 -2.90 -5.12
C LEU A 222 -9.23 -2.58 -6.32
N ASP A 223 -9.70 -2.84 -7.53
CA ASP A 223 -8.91 -2.57 -8.75
C ASP A 223 -8.99 -1.04 -9.03
N THR A 224 -7.85 -0.37 -9.15
CA THR A 224 -7.95 1.09 -9.52
C THR A 224 -7.43 1.29 -10.95
N GLY A 225 -7.50 0.26 -11.78
CA GLY A 225 -6.77 0.26 -13.08
C GLY A 225 -7.52 0.88 -14.27
N THR A 226 -8.85 1.01 -14.19
CA THR A 226 -9.61 1.49 -15.36
C THR A 226 -10.66 2.51 -14.87
N HIS A 227 -11.23 3.30 -15.78
CA HIS A 227 -12.29 4.26 -15.34
C HIS A 227 -13.40 3.54 -14.62
N GLU A 228 -13.81 2.38 -15.20
CA GLU A 228 -14.84 1.60 -14.53
C GLU A 228 -14.45 1.14 -13.11
N SER A 229 -13.29 0.52 -12.95
CA SER A 229 -12.90 -0.01 -11.65
C SER A 229 -12.57 1.08 -10.66
N LEU A 230 -12.14 2.25 -11.16
CA LEU A 230 -11.84 3.35 -10.23
C LEU A 230 -13.19 3.87 -9.65
N LEU A 231 -14.21 3.96 -10.49
CA LEU A 231 -15.54 4.40 -9.98
C LEU A 231 -16.14 3.33 -9.05
N GLN A 232 -15.94 2.05 -9.37
CA GLN A 232 -16.44 0.98 -8.50
C GLN A 232 -15.79 1.07 -7.11
N ALA A 233 -14.51 1.42 -7.09
CA ALA A 233 -13.82 1.64 -5.82
C ALA A 233 -14.35 2.78 -5.03
N SER A 234 -14.56 3.91 -5.71
CA SER A 234 -15.15 5.08 -5.04
C SER A 234 -16.53 4.72 -4.49
N GLN A 235 -17.33 3.96 -5.24
CA GLN A 235 -18.69 3.61 -4.75
C GLN A 235 -18.63 2.69 -3.55
N PHE A 236 -17.69 1.77 -3.57
CA PHE A 236 -17.53 0.89 -2.39
C PHE A 236 -17.18 1.67 -1.16
N ILE A 237 -16.23 2.57 -1.28
CA ILE A 237 -15.84 3.35 -0.12
C ILE A 237 -17.00 4.18 0.38
N GLU A 238 -17.71 4.85 -0.52
CA GLU A 238 -18.79 5.71 -0.08
C GLU A 238 -19.83 4.86 0.58
N THR A 239 -20.05 3.68 0.02
CA THR A 239 -21.14 2.81 0.51
C THR A 239 -20.81 2.32 1.94
N ILE A 240 -19.57 1.85 2.17
CA ILE A 240 -19.13 1.42 3.51
C ILE A 240 -19.20 2.56 4.47
N GLU A 241 -18.69 3.71 4.04
CA GLU A 241 -18.63 4.82 4.90
C GLU A 241 -20.00 5.32 5.32
N LYS A 242 -20.93 5.42 4.36
CA LYS A 242 -22.27 5.95 4.59
C LYS A 242 -23.14 4.91 5.32
N ARG A 243 -23.17 3.69 4.83
CA ARG A 243 -24.10 2.66 5.39
C ARG A 243 -23.62 2.10 6.75
N GLN A 244 -22.31 2.10 6.97
CA GLN A 244 -21.72 1.51 8.15
C GLN A 244 -21.02 2.50 9.07
N SER A 245 -21.22 3.80 8.83
CA SER A 245 -20.67 4.85 9.69
C SER A 245 -19.21 4.65 10.04
N LEU A 246 -18.39 4.48 9.02
CA LEU A 246 -17.01 4.19 9.29
C LEU A 246 -16.20 4.88 8.23
N LYS A 247 -14.94 5.15 8.51
CA LYS A 247 -14.15 5.82 7.51
C LYS A 247 -13.09 4.86 7.08
N VAL A 248 -12.75 4.91 5.80
CA VAL A 248 -11.66 4.07 5.29
C VAL A 248 -10.49 4.96 4.91
N ALA A 249 -9.37 4.76 5.59
CA ALA A 249 -8.13 5.52 5.29
C ALA A 249 -8.25 6.97 5.59
N CYS A 250 -8.98 7.31 6.66
CA CYS A 250 -9.01 8.68 7.12
C CYS A 250 -7.77 8.80 8.05
N LEU A 251 -6.71 9.34 7.47
CA LEU A 251 -5.38 9.28 8.08
C LEU A 251 -5.38 9.89 9.46
N GLU A 252 -6.08 11.01 9.59
CA GLU A 252 -6.11 11.74 10.89
C GLU A 252 -6.80 10.90 11.98
N GLU A 253 -7.91 10.24 11.64
CA GLU A 253 -8.60 9.33 12.55
C GLU A 253 -7.70 8.19 13.00
N ILE A 254 -6.97 7.61 12.05
CA ILE A 254 -6.10 6.49 12.35
C ILE A 254 -4.92 6.95 13.27
N ALA A 255 -4.34 8.09 12.98
CA ALA A 255 -3.22 8.60 13.82
C ALA A 255 -3.73 8.71 15.24
N TYR A 256 -4.92 9.28 15.35
CA TYR A 256 -5.55 9.46 16.60
C TYR A 256 -5.94 8.16 17.34
N ARG A 257 -6.49 7.19 16.63
CA ARG A 257 -6.84 5.90 17.23
C ARG A 257 -5.63 5.05 17.62
N MET A 258 -4.51 5.23 16.90
CA MET A 258 -3.30 4.53 17.22
C MET A 258 -2.49 5.19 18.34
N GLY A 259 -2.93 6.35 18.78
CA GLY A 259 -2.28 7.04 19.90
C GLY A 259 -1.14 7.92 19.46
N TYR A 260 -1.02 8.13 18.15
CA TYR A 260 0.09 8.94 17.69
C TYR A 260 -0.08 10.41 17.96
N ILE A 261 -1.31 10.87 17.99
CA ILE A 261 -1.54 12.31 18.15
C ILE A 261 -2.58 12.49 19.24
N SER A 262 -2.59 13.67 19.87
CA SER A 262 -3.47 13.87 20.99
C SER A 262 -4.83 14.40 20.54
N ARG A 263 -5.79 14.38 21.45
CA ARG A 263 -7.06 15.09 21.25
C ARG A 263 -6.94 16.52 20.78
N GLU A 264 -6.08 17.30 21.42
CA GLU A 264 -5.91 18.69 21.03
C GLU A 264 -5.32 18.77 19.62
N GLN A 265 -4.44 17.83 19.30
CA GLN A 265 -3.76 17.87 18.00
C GLN A 265 -4.78 17.51 16.90
N LEU A 266 -5.66 16.57 17.19
CA LEU A 266 -6.72 16.22 16.24
C LEU A 266 -7.68 17.41 16.02
N ILE A 267 -8.02 18.10 17.11
CA ILE A 267 -8.87 19.29 17.01
C ILE A 267 -8.23 20.36 16.16
N LYS A 268 -6.92 20.56 16.30
CA LYS A 268 -6.21 21.50 15.45
C LYS A 268 -6.23 21.10 13.97
N LEU A 269 -6.28 19.80 13.69
CA LEU A 269 -6.41 19.31 12.32
C LEU A 269 -7.82 19.56 11.79
N ALA A 270 -8.79 19.60 12.69
CA ALA A 270 -10.14 19.90 12.28
C ALA A 270 -10.47 21.41 12.28
N GLU A 271 -9.63 22.23 12.92
CA GLU A 271 -9.94 23.66 13.09
C GLU A 271 -9.83 24.46 11.78
N PRO A 272 -8.71 24.31 11.04
CA PRO A 272 -8.61 25.01 9.76
C PRO A 272 -9.45 24.36 8.65
N LEU A 273 -10.26 23.36 8.98
CA LEU A 273 -11.03 22.61 7.95
C LEU A 273 -12.48 22.34 8.37
N MET A 274 -12.98 23.08 9.36
CA MET A 274 -14.28 22.71 9.93
C MET A 274 -15.47 22.94 9.00
N LYS A 275 -15.77 21.91 8.17
CA LYS A 275 -16.70 22.12 7.03
C LYS A 275 -17.45 20.88 6.53
N ASN A 276 -16.80 20.13 5.63
CA ASN A 276 -17.44 18.97 5.03
C ASN A 276 -17.59 17.79 5.99
N GLU A 277 -18.07 16.66 5.47
CA GLU A 277 -18.29 15.47 6.29
C GLU A 277 -16.97 14.77 6.70
N TYR A 278 -15.89 15.03 5.96
CA TYR A 278 -14.49 14.76 6.39
C TYR A 278 -14.10 15.38 7.75
N GLY A 279 -13.94 16.70 7.78
CA GLY A 279 -13.65 17.42 9.02
C GLY A 279 -14.60 17.17 10.18
N GLN A 280 -15.89 17.06 9.88
CA GLN A 280 -16.88 16.86 10.91
C GLN A 280 -16.80 15.47 11.53
N TYR A 281 -16.41 14.47 10.75
CA TYR A 281 -16.16 13.13 11.30
C TYR A 281 -15.05 13.28 12.34
N LEU A 282 -14.04 14.11 12.01
CA LEU A 282 -12.86 14.28 12.85
C LEU A 282 -13.18 15.00 14.14
N MET A 283 -13.79 16.19 14.03
CA MET A 283 -14.00 17.03 15.21
C MET A 283 -15.02 16.46 16.19
N ASN A 284 -15.96 15.67 15.69
CA ASN A 284 -16.83 14.88 16.56
C ASN A 284 -16.07 13.76 17.23
N LEU A 285 -15.43 12.90 16.43
CA LEU A 285 -14.50 11.90 16.94
C LEU A 285 -13.70 12.45 18.13
N ALA A 286 -13.20 13.69 18.01
CA ALA A 286 -12.28 14.29 18.97
C ALA A 286 -12.97 14.63 20.30
N HIS A 287 -14.26 14.92 20.22
CA HIS A 287 -15.13 15.01 21.39
C HIS A 287 -15.83 13.67 21.62
N ARG A 288 -16.45 13.48 22.78
CA ARG A 288 -16.73 12.13 23.27
C ARG A 288 -15.42 11.31 23.31
#